data_1LLP
#
_entry.id   1LLP
#
_cell.length_a   60.700
_cell.length_b   74.710
_cell.length_c   106.350
_cell.angle_alpha   90.00
_cell.angle_beta   90.00
_cell.angle_gamma   90.00
#
_symmetry.space_group_name_H-M   'P 21 21 21'
#
loop_
_entity.id
_entity.type
_entity.pdbx_description
1 polymer 'LIGNIN PEROXIDASE'
2 branched 2-acetamido-2-deoxy-beta-D-glucopyranose-(1-4)-2-acetamido-2-deoxy-beta-D-glucopyranose
3 non-polymer alpha-D-mannopyranose
4 non-polymer 2-acetamido-2-deoxy-alpha-D-galactopyranose
5 non-polymer 'CALCIUM ION'
6 non-polymer 'HYDROXIDE ION'
7 non-polymer 'PROTOPORPHYRIN IX CONTAINING FE'
8 water water
#
_entity_poly.entity_id   1
_entity_poly.type   'polypeptide(L)'
_entity_poly.pdbx_seq_one_letter_code
;ATCANGKTVGDASCCAWFDVLDDIQANMFHGGQCGAEAHESIRLVFHDSIAISPAMEAKGKFGGGGADGSIMIFDTIETA
FHPNIGLDEVVAMQKPFVQKHGVTPGDFIAFAGAVALSNCPGAPQMNFFTGRKPATQPAPDGLVPEPFHTVDQIIARVND
AGEFDELELVWMLSAHSVAAVNDVDPTVQGLPFDSTPGIFDSQFFVETQFRGTLFPGSGGNQGEVESGMAGEIRIQTDHT
LARDSRTACEWQSFVGNQSKLVDDFQFIFLALTQLGQDPNAMTDCSDVIPLSKPIPGNGPFSFFPPGKSHSDIEQACAET
PFPSLVTLPGPATSVARIPPHKA
;
_entity_poly.pdbx_strand_id   A
#
# COMPACT_ATOMS: atom_id res chain seq x y z
N ALA A 1 -4.33 28.65 12.63
CA ALA A 1 -3.01 29.24 12.40
C ALA A 1 -2.93 29.55 10.90
N THR A 2 -2.21 30.56 10.50
CA THR A 2 -2.00 30.97 9.13
C THR A 2 -0.50 30.79 8.88
N CYS A 3 -0.20 29.95 7.91
CA CYS A 3 1.20 29.68 7.57
C CYS A 3 1.73 30.84 6.74
N ALA A 4 3.05 30.80 6.54
CA ALA A 4 3.73 31.83 5.75
C ALA A 4 3.23 31.94 4.30
N ASN A 5 2.77 30.81 3.78
CA ASN A 5 2.26 30.73 2.41
C ASN A 5 0.84 31.25 2.32
N GLY A 6 0.17 31.69 3.35
CA GLY A 6 -1.19 32.18 3.32
C GLY A 6 -2.21 31.10 3.56
N LYS A 7 -1.79 29.85 3.66
CA LYS A 7 -2.70 28.75 3.93
C LYS A 7 -2.92 28.67 5.45
N THR A 8 -4.08 28.22 5.86
CA THR A 8 -4.40 28.07 7.27
C THR A 8 -4.40 26.59 7.68
N VAL A 9 -3.95 26.32 8.89
CA VAL A 9 -3.85 25.00 9.48
C VAL A 9 -4.39 25.12 10.91
N GLY A 10 -4.77 23.97 11.41
CA GLY A 10 -5.28 23.86 12.78
C GLY A 10 -4.12 24.08 13.76
N ASP A 11 -2.93 23.60 13.47
CA ASP A 11 -1.79 23.77 14.37
C ASP A 11 -0.60 24.32 13.62
N ALA A 12 -0.11 25.45 14.12
CA ALA A 12 1.00 26.13 13.51
C ALA A 12 2.22 25.24 13.35
N SER A 13 2.41 24.14 14.08
CA SER A 13 3.58 23.29 13.88
C SER A 13 3.50 22.56 12.52
N CYS A 14 2.26 22.49 12.03
CA CYS A 14 2.06 21.81 10.72
C CYS A 14 2.53 22.63 9.54
N CYS A 15 2.65 23.96 9.71
CA CYS A 15 3.06 24.82 8.61
C CYS A 15 4.28 24.38 7.87
N ALA A 16 5.33 23.91 8.55
CA ALA A 16 6.57 23.47 7.92
C ALA A 16 6.35 22.33 6.89
N TRP A 17 5.31 21.56 7.04
CA TRP A 17 5.04 20.46 6.10
C TRP A 17 4.58 20.97 4.71
N PHE A 18 4.12 22.22 4.61
CA PHE A 18 3.81 22.75 3.26
C PHE A 18 5.09 22.80 2.45
N ASP A 19 6.23 23.15 3.01
CA ASP A 19 7.45 23.16 2.22
C ASP A 19 7.87 21.76 1.82
N VAL A 20 7.62 20.80 2.74
CA VAL A 20 7.97 19.42 2.40
C VAL A 20 7.03 18.98 1.25
N LEU A 21 5.74 19.33 1.35
CA LEU A 21 4.73 18.98 0.34
C LEU A 21 5.18 19.51 -1.05
N ASP A 22 5.44 20.80 -1.11
CA ASP A 22 5.82 21.41 -2.37
C ASP A 22 7.04 20.74 -2.95
N ASP A 23 8.01 20.42 -2.12
CA ASP A 23 9.21 19.78 -2.63
C ASP A 23 8.99 18.40 -3.23
N ILE A 24 8.33 17.54 -2.44
CA ILE A 24 8.13 16.15 -2.90
C ILE A 24 7.15 16.10 -4.09
N GLN A 25 6.15 16.96 -4.15
CA GLN A 25 5.21 16.90 -5.32
C GLN A 25 5.99 17.15 -6.61
N ALA A 26 6.87 18.16 -6.58
CA ALA A 26 7.64 18.47 -7.77
C ALA A 26 8.80 17.54 -8.02
N ASN A 27 9.57 17.24 -6.96
CA ASN A 27 10.82 16.52 -7.03
C ASN A 27 10.89 15.06 -6.73
N MET A 28 9.84 14.46 -6.23
CA MET A 28 9.78 13.03 -6.02
C MET A 28 8.64 12.40 -6.87
N PHE A 29 7.48 13.03 -6.87
CA PHE A 29 6.30 12.57 -7.57
C PHE A 29 6.07 13.14 -8.97
N HIS A 30 7.11 13.69 -9.58
CA HIS A 30 6.97 14.18 -10.98
C HIS A 30 5.78 15.07 -11.22
N GLY A 31 5.56 16.01 -10.33
CA GLY A 31 4.44 16.92 -10.47
C GLY A 31 3.17 16.36 -9.93
N GLY A 32 3.13 15.58 -8.87
CA GLY A 32 1.84 15.17 -8.33
C GLY A 32 1.26 13.94 -8.99
N GLN A 33 2.02 13.00 -9.52
CA GLN A 33 1.47 11.81 -10.12
C GLN A 33 1.39 10.63 -9.16
N CYS A 34 0.54 9.73 -9.61
CA CYS A 34 0.34 8.43 -8.97
C CYS A 34 1.09 7.37 -9.81
N GLY A 35 2.40 7.52 -9.85
CA GLY A 35 3.28 6.66 -10.63
C GLY A 35 4.17 5.81 -9.76
N ALA A 36 5.28 5.35 -10.28
CA ALA A 36 6.20 4.45 -9.57
C ALA A 36 6.59 5.02 -8.19
N GLU A 37 7.02 6.26 -8.09
CA GLU A 37 7.48 6.87 -6.82
C GLU A 37 6.37 6.93 -5.80
N ALA A 38 5.14 7.24 -6.20
CA ALA A 38 4.01 7.27 -5.29
C ALA A 38 3.80 5.84 -4.82
N HIS A 39 3.76 4.80 -5.70
CA HIS A 39 3.58 3.42 -5.31
C HIS A 39 4.66 2.92 -4.32
N GLU A 40 5.91 3.29 -4.68
CA GLU A 40 7.05 2.90 -3.81
C GLU A 40 6.88 3.49 -2.38
N SER A 41 6.45 4.72 -2.30
CA SER A 41 6.29 5.45 -1.03
C SER A 41 5.20 4.81 -0.15
N ILE A 42 4.10 4.40 -0.80
CA ILE A 42 2.99 3.74 -0.07
C ILE A 42 3.50 2.43 0.48
N ARG A 43 4.26 1.62 -0.28
CA ARG A 43 4.81 0.36 0.17
C ARG A 43 5.74 0.59 1.42
N LEU A 44 6.56 1.63 1.32
CA LEU A 44 7.53 1.90 2.41
C LEU A 44 6.75 2.08 3.74
N VAL A 45 5.60 2.69 3.75
CA VAL A 45 4.84 2.88 4.99
C VAL A 45 4.66 1.52 5.65
N PHE A 46 4.21 0.51 4.90
CA PHE A 46 4.00 -0.78 5.53
C PHE A 46 5.26 -1.40 6.06
N HIS A 47 6.35 -1.41 5.32
CA HIS A 47 7.60 -2.07 5.70
C HIS A 47 8.26 -1.33 6.91
N ASP A 48 8.03 -0.07 7.05
CA ASP A 48 8.54 0.62 8.22
C ASP A 48 7.63 0.19 9.43
N SER A 49 6.35 0.34 9.28
CA SER A 49 5.40 0.20 10.38
C SER A 49 5.15 -1.12 11.03
N ILE A 50 5.04 -2.18 10.19
CA ILE A 50 4.63 -3.49 10.63
C ILE A 50 5.73 -4.17 11.43
N ALA A 51 6.94 -3.63 11.38
CA ALA A 51 8.07 -4.28 12.08
C ALA A 51 8.08 -3.86 13.56
N ILE A 52 7.15 -4.53 14.25
CA ILE A 52 6.89 -4.32 15.71
C ILE A 52 6.37 -5.68 16.22
N SER A 53 6.84 -6.12 17.39
CA SER A 53 6.38 -7.39 17.87
C SER A 53 6.34 -7.54 19.40
N PRO A 54 5.18 -7.28 19.95
CA PRO A 54 5.00 -7.49 21.41
C PRO A 54 5.39 -8.91 21.78
N ALA A 55 5.14 -9.96 21.00
CA ALA A 55 5.49 -11.34 21.25
C ALA A 55 7.02 -11.46 21.48
N MET A 56 7.79 -10.82 20.62
CA MET A 56 9.24 -10.87 20.76
C MET A 56 9.65 -10.12 22.03
N GLU A 57 9.08 -8.97 22.27
CA GLU A 57 9.36 -8.19 23.47
C GLU A 57 9.12 -9.12 24.67
N ALA A 58 7.99 -9.79 24.72
CA ALA A 58 7.70 -10.68 25.85
C ALA A 58 8.77 -11.76 25.96
N LYS A 59 9.50 -12.20 24.95
CA LYS A 59 10.56 -13.19 25.09
C LYS A 59 11.85 -12.44 25.48
N GLY A 60 11.70 -11.21 25.95
CA GLY A 60 12.78 -10.32 26.32
C GLY A 60 13.69 -9.86 25.18
N LYS A 61 13.33 -9.84 23.90
CA LYS A 61 14.13 -9.35 22.79
C LYS A 61 13.42 -8.13 22.18
N PHE A 62 14.24 -7.23 21.64
CA PHE A 62 13.69 -5.99 21.03
C PHE A 62 12.83 -6.49 19.83
N GLY A 63 11.60 -6.04 19.76
CA GLY A 63 10.75 -6.49 18.66
C GLY A 63 10.56 -5.44 17.59
N GLY A 64 11.27 -4.31 17.61
CA GLY A 64 11.06 -3.26 16.60
C GLY A 64 10.18 -2.15 17.13
N GLY A 65 10.35 -0.91 16.67
CA GLY A 65 9.62 0.25 17.09
C GLY A 65 8.43 0.65 16.23
N GLY A 66 8.03 -0.16 15.28
CA GLY A 66 6.84 0.20 14.47
C GLY A 66 7.13 1.36 13.53
N ALA A 67 6.26 2.34 13.42
CA ALA A 67 6.35 3.51 12.53
C ALA A 67 7.37 4.50 13.12
N ASP A 68 8.65 4.14 12.99
CA ASP A 68 9.71 4.95 13.65
C ASP A 68 10.81 5.39 12.69
N GLY A 69 10.64 5.11 11.38
CA GLY A 69 11.69 5.52 10.46
C GLY A 69 12.86 4.59 10.53
N SER A 70 12.80 3.44 11.19
CA SER A 70 13.95 2.56 11.32
C SER A 70 14.51 2.07 9.99
N ILE A 71 13.55 1.78 9.06
CA ILE A 71 13.93 1.25 7.74
C ILE A 71 14.76 2.27 6.97
N MET A 72 14.66 3.53 7.30
CA MET A 72 15.44 4.61 6.67
C MET A 72 16.79 4.87 7.38
N ILE A 73 16.71 5.01 8.70
CA ILE A 73 17.95 5.27 9.50
C ILE A 73 18.86 4.05 9.46
N PHE A 74 18.33 2.83 9.55
CA PHE A 74 19.05 1.57 9.59
C PHE A 74 18.76 0.80 8.29
N ASP A 75 18.84 1.53 7.16
CA ASP A 75 18.55 0.83 5.87
C ASP A 75 19.55 -0.23 5.51
N THR A 76 20.83 -0.09 5.86
CA THR A 76 21.80 -1.13 5.50
C THR A 76 21.38 -2.46 6.12
N ILE A 77 20.83 -2.45 7.32
CA ILE A 77 20.34 -3.69 7.92
C ILE A 77 18.93 -4.05 7.38
N GLU A 78 17.97 -3.13 7.53
CA GLU A 78 16.61 -3.50 7.14
C GLU A 78 16.34 -3.78 5.64
N THR A 79 16.96 -2.98 4.77
CA THR A 79 16.64 -3.24 3.36
C THR A 79 17.31 -4.50 2.85
N ALA A 80 18.20 -5.15 3.56
CA ALA A 80 18.84 -6.39 3.21
C ALA A 80 17.92 -7.54 3.60
N PHE A 81 16.87 -7.42 4.40
CA PHE A 81 15.95 -8.49 4.73
C PHE A 81 15.16 -8.82 3.43
N HIS A 82 15.01 -10.12 3.17
CA HIS A 82 14.30 -10.54 1.96
C HIS A 82 12.94 -9.93 1.71
N PRO A 83 12.06 -9.77 2.72
CA PRO A 83 10.76 -9.16 2.46
C PRO A 83 10.85 -7.73 2.02
N ASN A 84 12.01 -7.08 2.28
CA ASN A 84 12.18 -5.69 1.96
C ASN A 84 12.92 -5.46 0.63
N ILE A 85 12.98 -6.50 -0.19
CA ILE A 85 13.73 -6.34 -1.48
C ILE A 85 13.21 -5.17 -2.27
N GLY A 86 14.10 -4.40 -2.89
CA GLY A 86 13.79 -3.22 -3.67
C GLY A 86 13.64 -1.94 -2.87
N LEU A 87 13.54 -2.03 -1.53
CA LEU A 87 13.34 -0.79 -0.77
C LEU A 87 14.64 0.01 -0.52
N ASP A 88 15.76 -0.63 -0.81
CA ASP A 88 17.01 0.15 -0.64
C ASP A 88 16.89 1.37 -1.56
N GLU A 89 16.37 1.20 -2.78
CA GLU A 89 16.24 2.32 -3.73
C GLU A 89 15.20 3.35 -3.34
N VAL A 90 14.14 2.91 -2.70
CA VAL A 90 13.07 3.79 -2.23
C VAL A 90 13.61 4.68 -1.10
N VAL A 91 14.35 4.02 -0.18
CA VAL A 91 14.96 4.77 0.93
C VAL A 91 15.98 5.77 0.37
N ALA A 92 16.78 5.33 -0.60
CA ALA A 92 17.80 6.24 -1.18
C ALA A 92 17.13 7.46 -1.82
N MET A 93 15.96 7.28 -2.44
CA MET A 93 15.19 8.36 -3.05
C MET A 93 14.66 9.35 -2.01
N GLN A 94 14.14 8.81 -0.90
CA GLN A 94 13.59 9.65 0.13
C GLN A 94 14.52 10.34 1.14
N LYS A 95 15.57 9.62 1.52
CA LYS A 95 16.48 10.11 2.58
C LYS A 95 16.96 11.53 2.46
N PRO A 96 17.39 12.05 1.31
CA PRO A 96 17.85 13.44 1.19
C PRO A 96 16.79 14.44 1.52
N PHE A 97 15.51 14.15 1.22
CA PHE A 97 14.45 15.08 1.58
C PHE A 97 14.28 15.22 3.09
N VAL A 98 14.51 14.12 3.85
CA VAL A 98 14.40 14.13 5.31
C VAL A 98 15.48 15.06 5.91
N GLN A 99 16.68 14.79 5.42
CA GLN A 99 17.88 15.58 5.82
C GLN A 99 17.65 17.03 5.47
N LYS A 100 17.24 17.32 4.25
CA LYS A 100 16.98 18.70 3.85
C LYS A 100 15.93 19.45 4.64
N HIS A 101 14.82 18.85 5.03
CA HIS A 101 13.72 19.48 5.71
C HIS A 101 13.79 19.40 7.24
N GLY A 102 14.73 18.58 7.74
CA GLY A 102 14.89 18.45 9.18
C GLY A 102 13.68 17.89 9.92
N VAL A 103 12.99 16.92 9.34
CA VAL A 103 11.83 16.28 9.91
C VAL A 103 12.31 14.90 10.33
N THR A 104 11.53 14.18 11.13
CA THR A 104 12.01 12.84 11.53
C THR A 104 11.76 11.86 10.35
N PRO A 105 12.58 10.85 10.25
CA PRO A 105 12.40 9.89 9.17
C PRO A 105 11.01 9.21 9.24
N GLY A 106 10.54 8.85 10.45
CA GLY A 106 9.24 8.19 10.59
C GLY A 106 8.14 9.13 10.14
N ASP A 107 8.17 10.41 10.52
CA ASP A 107 7.12 11.33 10.07
C ASP A 107 7.19 11.52 8.51
N PHE A 108 8.39 11.56 7.95
CA PHE A 108 8.49 11.75 6.49
C PHE A 108 7.87 10.53 5.79
N ILE A 109 8.19 9.34 6.24
CA ILE A 109 7.62 8.11 5.60
C ILE A 109 6.11 8.17 5.55
N ALA A 110 5.51 8.48 6.72
CA ALA A 110 4.08 8.59 6.85
C ALA A 110 3.49 9.68 5.94
N PHE A 111 4.20 10.82 5.86
CA PHE A 111 3.79 11.99 5.07
C PHE A 111 3.84 11.61 3.58
N ALA A 112 5.00 11.10 3.17
CA ALA A 112 5.13 10.74 1.73
C ALA A 112 4.09 9.71 1.29
N GLY A 113 3.75 8.74 2.16
CA GLY A 113 2.75 7.73 1.81
C GLY A 113 1.38 8.37 1.68
N ALA A 114 1.00 9.33 2.54
CA ALA A 114 -0.28 10.02 2.52
C ALA A 114 -0.35 10.93 1.27
N VAL A 115 0.73 11.63 0.98
CA VAL A 115 0.76 12.49 -0.23
C VAL A 115 0.70 11.60 -1.51
N ALA A 116 1.44 10.52 -1.54
CA ALA A 116 1.44 9.58 -2.69
C ALA A 116 0.00 9.16 -2.95
N LEU A 117 -0.75 8.73 -1.92
CA LEU A 117 -2.15 8.32 -2.08
C LEU A 117 -3.04 9.46 -2.57
N SER A 118 -2.86 10.65 -2.07
CA SER A 118 -3.63 11.82 -2.41
C SER A 118 -3.45 12.05 -3.92
N ASN A 119 -2.38 11.62 -4.55
CA ASN A 119 -2.24 11.85 -6.00
C ASN A 119 -3.00 10.79 -6.84
N CYS A 120 -3.48 9.73 -6.25
CA CYS A 120 -4.14 8.62 -6.96
C CYS A 120 -5.65 8.82 -6.94
N PRO A 121 -6.26 9.11 -8.10
CA PRO A 121 -7.74 9.28 -8.14
C PRO A 121 -8.46 8.15 -7.40
N GLY A 122 -9.45 8.56 -6.61
CA GLY A 122 -10.25 7.63 -5.84
C GLY A 122 -9.79 7.41 -4.41
N ALA A 123 -8.57 7.94 -4.10
CA ALA A 123 -8.07 7.67 -2.72
C ALA A 123 -8.92 8.33 -1.65
N PRO A 124 -8.89 7.81 -0.41
CA PRO A 124 -9.58 8.49 0.69
C PRO A 124 -8.84 9.80 0.96
N GLN A 125 -9.46 10.71 1.72
CA GLN A 125 -8.85 11.93 2.19
C GLN A 125 -7.86 11.46 3.27
N MET A 126 -6.57 11.44 3.02
CA MET A 126 -5.59 10.84 3.94
C MET A 126 -5.20 11.72 5.14
N ASN A 127 -5.06 10.98 6.27
CA ASN A 127 -4.63 11.67 7.49
C ASN A 127 -3.07 11.70 7.56
N PHE A 128 -2.66 12.68 8.39
CA PHE A 128 -1.23 12.83 8.65
C PHE A 128 -1.02 13.41 10.06
N PHE A 129 -0.42 12.55 10.89
CA PHE A 129 -0.08 12.97 12.27
C PHE A 129 1.45 13.00 12.40
N THR A 130 1.96 13.97 13.15
CA THR A 130 3.42 14.02 13.37
C THR A 130 3.73 13.56 14.80
N GLY A 131 5.01 13.31 15.05
CA GLY A 131 5.45 13.00 16.42
C GLY A 131 6.28 11.77 16.49
N ARG A 132 6.68 11.09 15.43
CA ARG A 132 7.44 9.89 15.59
C ARG A 132 8.91 10.23 15.85
N LYS A 133 9.41 9.85 17.05
CA LYS A 133 10.85 10.07 17.32
C LYS A 133 11.70 9.13 16.46
N PRO A 134 12.94 9.53 16.24
CA PRO A 134 13.87 8.70 15.49
C PRO A 134 13.96 7.31 16.09
N ALA A 135 13.99 6.25 15.26
CA ALA A 135 14.08 4.88 15.71
C ALA A 135 15.27 4.67 16.67
N THR A 136 15.05 3.85 17.68
CA THR A 136 16.13 3.55 18.63
C THR A 136 17.12 2.54 18.10
N GLN A 137 16.67 1.50 17.40
CA GLN A 137 17.46 0.41 16.84
C GLN A 137 16.72 -0.15 15.59
N PRO A 138 17.49 -0.88 14.78
CA PRO A 138 16.88 -1.51 13.61
C PRO A 138 15.87 -2.58 14.02
N ALA A 139 14.82 -2.78 13.22
CA ALA A 139 13.90 -3.88 13.55
C ALA A 139 14.61 -5.21 13.22
N PRO A 140 14.20 -6.30 13.90
CA PRO A 140 14.72 -7.59 13.56
C PRO A 140 14.00 -8.03 12.23
N ASP A 141 14.54 -9.08 11.65
CA ASP A 141 13.94 -9.70 10.48
C ASP A 141 12.82 -10.60 10.98
N GLY A 142 12.08 -11.19 10.07
CA GLY A 142 10.98 -12.11 10.32
C GLY A 142 9.69 -11.37 10.67
N LEU A 143 9.60 -10.09 10.41
CA LEU A 143 8.40 -9.35 10.79
C LEU A 143 7.52 -8.86 9.61
N VAL A 144 8.14 -8.83 8.43
CA VAL A 144 7.39 -8.34 7.26
C VAL A 144 6.99 -9.60 6.46
N PRO A 145 5.69 -9.73 6.21
CA PRO A 145 5.24 -10.92 5.44
C PRO A 145 5.81 -11.07 4.01
N GLU A 146 5.96 -12.31 3.60
CA GLU A 146 6.43 -12.75 2.28
C GLU A 146 5.21 -13.19 1.43
N PRO A 147 5.35 -13.07 0.10
CA PRO A 147 4.21 -13.46 -0.79
C PRO A 147 4.01 -14.97 -0.80
N PHE A 148 4.90 -15.72 -0.22
CA PHE A 148 4.82 -17.17 -0.10
C PHE A 148 4.43 -17.61 1.31
N HIS A 149 4.12 -16.75 2.25
CA HIS A 149 3.67 -17.18 3.57
C HIS A 149 2.24 -17.66 3.48
N THR A 150 1.81 -18.44 4.45
CA THR A 150 0.44 -18.94 4.47
C THR A 150 -0.46 -17.90 5.09
N VAL A 151 -1.74 -18.06 4.86
CA VAL A 151 -2.77 -17.17 5.42
C VAL A 151 -2.63 -17.23 6.94
N ASP A 152 -2.43 -18.43 7.49
CA ASP A 152 -2.34 -18.51 8.96
C ASP A 152 -1.18 -17.67 9.53
N GLN A 153 -0.06 -17.72 8.83
CA GLN A 153 1.11 -16.97 9.26
C GLN A 153 0.87 -15.46 9.21
N ILE A 154 0.25 -15.06 8.11
CA ILE A 154 0.00 -13.63 7.90
C ILE A 154 -0.96 -13.04 8.95
N ILE A 155 -2.02 -13.81 9.22
CA ILE A 155 -3.00 -13.38 10.24
C ILE A 155 -2.27 -13.31 11.59
N ALA A 156 -1.49 -14.34 11.92
CA ALA A 156 -0.75 -14.33 13.19
C ALA A 156 0.16 -13.10 13.30
N ARG A 157 0.85 -12.81 12.18
CA ARG A 157 1.75 -11.67 12.14
C ARG A 157 1.06 -10.37 12.44
N VAL A 158 -0.09 -10.02 11.82
CA VAL A 158 -0.74 -8.75 12.06
C VAL A 158 -1.46 -8.75 13.40
N ASN A 159 -1.88 -9.91 13.88
CA ASN A 159 -2.51 -10.02 15.22
C ASN A 159 -1.43 -9.57 16.25
N ASP A 160 -0.22 -10.11 16.05
CA ASP A 160 0.90 -9.75 16.93
C ASP A 160 1.26 -8.27 16.82
N ALA A 161 1.56 -7.79 15.60
CA ALA A 161 2.00 -6.40 15.38
C ALA A 161 1.12 -5.33 15.98
N GLY A 162 -0.19 -5.39 15.66
CA GLY A 162 -1.08 -4.34 16.11
C GLY A 162 -2.46 -4.81 16.57
N GLU A 163 -2.55 -6.09 16.88
CA GLU A 163 -3.83 -6.67 17.23
C GLU A 163 -4.89 -6.37 16.13
N PHE A 164 -4.42 -6.39 14.87
CA PHE A 164 -5.31 -6.20 13.73
C PHE A 164 -6.00 -7.56 13.49
N ASP A 165 -7.27 -7.48 13.12
CA ASP A 165 -8.00 -8.73 12.82
C ASP A 165 -7.89 -9.12 11.33
N GLU A 166 -8.40 -10.31 11.02
CA GLU A 166 -8.31 -10.80 9.64
C GLU A 166 -9.12 -9.92 8.68
N LEU A 167 -10.12 -9.19 9.07
CA LEU A 167 -10.82 -8.30 8.16
C LEU A 167 -9.94 -7.09 7.80
N GLU A 168 -9.31 -6.49 8.83
CA GLU A 168 -8.41 -5.36 8.67
C GLU A 168 -7.22 -5.73 7.77
N LEU A 169 -6.82 -6.98 7.80
CA LEU A 169 -5.74 -7.47 6.93
C LEU A 169 -6.16 -7.25 5.44
N VAL A 170 -7.42 -7.66 5.14
CA VAL A 170 -7.92 -7.46 3.77
C VAL A 170 -7.95 -5.98 3.47
N TRP A 171 -8.43 -5.14 4.40
CA TRP A 171 -8.47 -3.71 4.14
C TRP A 171 -7.10 -3.15 3.78
N MET A 172 -6.08 -3.49 4.56
CA MET A 172 -4.79 -2.85 4.23
C MET A 172 -4.22 -3.32 2.88
N LEU A 173 -4.64 -4.50 2.40
CA LEU A 173 -4.18 -4.99 1.06
C LEU A 173 -4.83 -4.19 -0.07
N SER A 174 -5.75 -3.28 0.24
CA SER A 174 -6.32 -2.37 -0.76
C SER A 174 -5.21 -1.55 -1.43
N ALA A 175 -4.04 -1.35 -0.71
CA ALA A 175 -2.91 -0.65 -1.33
C ALA A 175 -2.39 -1.36 -2.59
N HIS A 176 -2.65 -2.65 -2.75
CA HIS A 176 -2.23 -3.35 -3.97
C HIS A 176 -3.08 -2.85 -5.20
N SER A 177 -4.07 -1.99 -4.97
CA SER A 177 -4.78 -1.39 -6.08
C SER A 177 -3.95 -0.33 -6.78
N VAL A 178 -2.86 0.17 -6.21
CA VAL A 178 -2.02 1.25 -6.79
C VAL A 178 -0.59 0.72 -6.61
N ALA A 179 -0.27 -0.38 -7.35
CA ALA A 179 1.01 -1.00 -7.06
C ALA A 179 1.51 -1.93 -8.20
N ALA A 180 2.79 -2.12 -8.25
CA ALA A 180 3.39 -3.01 -9.26
C ALA A 180 4.51 -3.76 -8.57
N VAL A 181 4.96 -4.81 -9.25
CA VAL A 181 5.94 -5.75 -8.73
C VAL A 181 7.17 -5.72 -9.62
N ASN A 182 8.27 -5.36 -8.97
CA ASN A 182 9.55 -5.25 -9.66
C ASN A 182 10.49 -6.40 -9.49
N ASP A 183 10.35 -7.17 -8.40
CA ASP A 183 11.32 -8.18 -8.03
C ASP A 183 10.85 -9.60 -7.96
N VAL A 184 9.65 -9.97 -8.24
CA VAL A 184 9.19 -11.33 -8.18
C VAL A 184 9.55 -12.08 -9.51
N ASP A 185 9.27 -11.47 -10.64
CA ASP A 185 9.59 -12.06 -11.94
C ASP A 185 10.91 -11.43 -12.35
N PRO A 186 11.97 -12.25 -12.43
CA PRO A 186 13.29 -11.72 -12.71
C PRO A 186 13.44 -11.19 -14.13
N THR A 187 12.46 -11.47 -14.98
CA THR A 187 12.55 -11.07 -16.38
C THR A 187 11.88 -9.74 -16.63
N VAL A 188 11.05 -9.21 -15.74
CA VAL A 188 10.38 -7.95 -16.04
C VAL A 188 10.06 -7.20 -14.72
N GLN A 189 10.23 -5.90 -14.81
CA GLN A 189 9.94 -5.04 -13.65
C GLN A 189 8.70 -4.21 -13.87
N GLY A 190 7.81 -4.10 -12.92
CA GLY A 190 6.67 -3.22 -13.02
C GLY A 190 5.40 -3.89 -13.42
N LEU A 191 5.24 -5.18 -13.17
CA LEU A 191 3.93 -5.80 -13.51
C LEU A 191 2.90 -5.34 -12.45
N PRO A 192 1.82 -4.69 -12.81
CA PRO A 192 0.83 -4.24 -11.84
C PRO A 192 0.04 -5.37 -11.20
N PHE A 193 -0.50 -5.07 -9.99
CA PHE A 193 -1.37 -6.05 -9.32
C PHE A 193 -2.83 -5.96 -9.86
N ASP A 194 -3.20 -4.83 -10.42
CA ASP A 194 -4.55 -4.69 -11.00
C ASP A 194 -4.37 -3.86 -12.34
N SER A 195 -5.48 -3.81 -13.10
CA SER A 195 -5.43 -3.14 -14.40
C SER A 195 -5.44 -1.63 -14.33
N THR A 196 -5.60 -1.06 -13.11
CA THR A 196 -5.65 0.38 -12.86
C THR A 196 -4.65 0.81 -11.72
N PRO A 197 -3.38 0.63 -11.99
CA PRO A 197 -2.34 0.96 -10.96
C PRO A 197 -2.26 2.43 -10.57
N GLY A 198 -2.89 3.28 -11.39
CA GLY A 198 -2.95 4.72 -11.17
C GLY A 198 -4.25 5.15 -10.52
N ILE A 199 -5.09 4.16 -10.19
CA ILE A 199 -6.40 4.51 -9.61
C ILE A 199 -6.68 3.68 -8.35
N PHE A 200 -7.01 4.38 -7.28
CA PHE A 200 -7.34 3.66 -6.03
C PHE A 200 -8.79 3.19 -6.18
N ASP A 201 -8.97 1.97 -6.58
CA ASP A 201 -10.31 1.37 -6.80
C ASP A 201 -10.29 -0.07 -6.37
N SER A 202 -11.39 -0.78 -6.68
CA SER A 202 -11.51 -2.17 -6.30
C SER A 202 -11.15 -3.12 -7.42
N GLN A 203 -10.47 -2.69 -8.47
CA GLN A 203 -10.06 -3.62 -9.54
C GLN A 203 -9.16 -4.67 -8.97
N PHE A 204 -8.32 -4.39 -8.00
CA PHE A 204 -7.54 -5.45 -7.40
C PHE A 204 -8.37 -6.62 -6.85
N PHE A 205 -9.48 -6.30 -6.19
CA PHE A 205 -10.40 -7.26 -5.56
C PHE A 205 -11.21 -8.07 -6.62
N VAL A 206 -11.48 -7.37 -7.74
CA VAL A 206 -12.16 -8.04 -8.87
C VAL A 206 -11.21 -9.02 -9.55
N GLU A 207 -10.03 -8.51 -9.97
CA GLU A 207 -9.08 -9.23 -10.82
C GLU A 207 -8.38 -10.38 -10.20
N THR A 208 -8.16 -10.33 -8.88
CA THR A 208 -7.56 -11.47 -8.17
C THR A 208 -8.60 -12.60 -8.03
N GLN A 209 -9.87 -12.32 -8.28
CA GLN A 209 -10.91 -13.33 -8.17
C GLN A 209 -11.05 -14.18 -9.45
N PHE A 210 -10.49 -13.69 -10.56
CA PHE A 210 -10.52 -14.47 -11.80
C PHE A 210 -9.64 -15.72 -11.63
N ARG A 211 -10.09 -16.79 -12.33
CA ARG A 211 -9.31 -17.99 -12.41
C ARG A 211 -7.95 -17.63 -13.03
N GLY A 212 -6.90 -18.21 -12.42
CA GLY A 212 -5.54 -17.92 -12.94
C GLY A 212 -5.31 -18.80 -14.17
N THR A 213 -4.93 -18.23 -15.28
CA THR A 213 -4.72 -19.00 -16.51
C THR A 213 -3.37 -18.79 -17.16
N LEU A 214 -2.61 -17.79 -16.76
CA LEU A 214 -1.30 -17.59 -17.38
C LEU A 214 -0.30 -16.96 -16.41
N PHE A 215 0.95 -16.98 -16.85
CA PHE A 215 2.00 -16.24 -16.13
C PHE A 215 2.21 -15.01 -17.02
N PRO A 216 2.24 -13.79 -16.50
CA PRO A 216 2.47 -12.60 -17.34
C PRO A 216 3.85 -12.55 -17.97
N GLY A 217 4.92 -13.10 -17.43
CA GLY A 217 6.29 -13.12 -17.91
C GLY A 217 6.79 -14.56 -17.80
N SER A 218 7.69 -14.82 -16.87
CA SER A 218 8.24 -16.16 -16.61
C SER A 218 7.40 -16.88 -15.55
N GLY A 219 7.63 -18.20 -15.54
CA GLY A 219 6.95 -19.05 -14.56
C GLY A 219 8.00 -19.43 -13.53
N GLY A 220 7.58 -20.27 -12.60
CA GLY A 220 8.43 -20.85 -11.56
C GLY A 220 9.09 -19.87 -10.62
N ASN A 221 8.43 -18.80 -10.23
CA ASN A 221 8.95 -17.76 -9.34
C ASN A 221 8.25 -17.89 -7.98
N GLN A 222 9.09 -17.96 -6.93
CA GLN A 222 8.54 -18.13 -5.60
C GLN A 222 7.61 -16.99 -5.24
N GLY A 223 6.44 -17.30 -4.72
CA GLY A 223 5.49 -16.28 -4.29
C GLY A 223 4.55 -15.88 -5.42
N GLU A 224 4.79 -16.34 -6.62
CA GLU A 224 3.92 -15.95 -7.77
C GLU A 224 3.02 -17.10 -8.18
N VAL A 225 1.80 -16.79 -8.52
CA VAL A 225 0.85 -17.79 -9.03
C VAL A 225 0.31 -17.20 -10.35
N GLU A 226 -0.54 -18.00 -11.04
CA GLU A 226 -1.06 -17.45 -12.31
C GLU A 226 -2.08 -16.36 -12.14
N SER A 227 -2.16 -15.43 -13.11
CA SER A 227 -3.21 -14.41 -13.04
C SER A 227 -4.20 -14.72 -14.20
N GLY A 228 -5.19 -13.90 -14.38
CA GLY A 228 -6.14 -14.14 -15.48
C GLY A 228 -5.96 -13.04 -16.53
N MET A 229 -4.92 -12.20 -16.43
CA MET A 229 -4.76 -11.12 -17.41
C MET A 229 -3.32 -10.92 -17.86
N ALA A 230 -3.09 -10.80 -19.17
CA ALA A 230 -1.74 -10.50 -19.65
C ALA A 230 -1.25 -9.20 -19.00
N GLY A 231 0.02 -9.21 -18.61
CA GLY A 231 0.60 -7.99 -18.02
C GLY A 231 0.33 -7.82 -16.51
N GLU A 232 -0.57 -8.58 -15.98
CA GLU A 232 -0.90 -8.51 -14.54
C GLU A 232 -0.31 -9.67 -13.75
N ILE A 233 0.40 -9.33 -12.64
CA ILE A 233 0.95 -10.41 -11.80
C ILE A 233 0.01 -10.71 -10.63
N ARG A 234 0.06 -11.93 -10.13
CA ARG A 234 -0.72 -12.29 -8.93
C ARG A 234 0.27 -12.99 -7.98
N ILE A 235 0.23 -12.63 -6.69
CA ILE A 235 1.10 -13.30 -5.70
C ILE A 235 0.23 -14.29 -4.93
N GLN A 236 0.95 -15.28 -4.39
CA GLN A 236 0.25 -16.35 -3.66
C GLN A 236 -0.64 -15.95 -2.49
N THR A 237 -0.19 -15.02 -1.64
CA THR A 237 -0.95 -14.54 -0.52
C THR A 237 -2.24 -13.86 -0.97
N ASP A 238 -2.21 -12.99 -1.99
CA ASP A 238 -3.42 -12.31 -2.47
C ASP A 238 -4.39 -13.37 -3.05
N HIS A 239 -3.78 -14.29 -3.81
CA HIS A 239 -4.60 -15.34 -4.40
C HIS A 239 -5.36 -16.16 -3.32
N THR A 240 -4.59 -16.55 -2.29
CA THR A 240 -5.15 -17.38 -1.20
C THR A 240 -6.07 -16.60 -0.29
N LEU A 241 -5.82 -15.33 0.04
CA LEU A 241 -6.75 -14.55 0.82
C LEU A 241 -8.08 -14.38 0.09
N ALA A 242 -8.08 -14.29 -1.22
CA ALA A 242 -9.33 -14.07 -1.97
C ALA A 242 -10.21 -15.33 -1.94
N ARG A 243 -9.58 -16.45 -1.61
CA ARG A 243 -10.26 -17.73 -1.65
C ARG A 243 -10.44 -18.41 -0.29
N ASP A 244 -9.77 -17.92 0.72
CA ASP A 244 -9.81 -18.50 2.08
C ASP A 244 -11.15 -18.23 2.72
N SER A 245 -11.76 -19.23 3.37
CA SER A 245 -13.09 -18.98 3.96
C SER A 245 -13.06 -17.87 5.01
N ARG A 246 -11.92 -17.64 5.64
CA ARG A 246 -11.85 -16.57 6.63
C ARG A 246 -11.97 -15.19 6.01
N THR A 247 -11.38 -15.01 4.84
CA THR A 247 -11.36 -13.68 4.22
C THR A 247 -12.11 -13.47 2.91
N ALA A 248 -12.54 -14.53 2.25
CA ALA A 248 -13.17 -14.41 0.94
C ALA A 248 -14.31 -13.42 0.86
N CYS A 249 -15.26 -13.46 1.80
CA CYS A 249 -16.39 -12.53 1.75
C CYS A 249 -15.93 -11.09 1.93
N GLU A 250 -14.90 -10.85 2.76
CA GLU A 250 -14.42 -9.51 3.02
C GLU A 250 -13.75 -8.96 1.74
N TRP A 251 -13.03 -9.91 1.16
CA TRP A 251 -12.34 -9.55 -0.12
C TRP A 251 -13.38 -9.08 -1.15
N GLN A 252 -14.42 -9.88 -1.31
CA GLN A 252 -15.47 -9.60 -2.29
C GLN A 252 -16.28 -8.37 -1.93
N SER A 253 -16.41 -8.02 -0.66
CA SER A 253 -17.21 -6.88 -0.25
C SER A 253 -16.78 -5.57 -0.86
N PHE A 254 -15.52 -5.46 -1.37
CA PHE A 254 -15.07 -4.15 -1.89
C PHE A 254 -15.49 -3.96 -3.35
N VAL A 255 -15.85 -5.09 -3.94
CA VAL A 255 -16.24 -5.04 -5.38
C VAL A 255 -17.47 -4.16 -5.52
N GLY A 256 -17.42 -3.10 -6.32
CA GLY A 256 -18.57 -2.19 -6.51
C GLY A 256 -18.93 -1.44 -5.23
N ASN A 257 -18.03 -1.29 -4.25
CA ASN A 257 -18.38 -0.58 -3.04
C ASN A 257 -17.23 0.40 -2.69
N GLN A 258 -17.27 1.52 -3.39
CA GLN A 258 -16.26 2.52 -3.18
C GLN A 258 -16.28 3.11 -1.77
N SER A 259 -17.45 3.36 -1.20
CA SER A 259 -17.45 3.99 0.14
C SER A 259 -16.84 3.05 1.17
N LYS A 260 -17.10 1.76 1.13
CA LYS A 260 -16.50 0.81 2.07
C LYS A 260 -14.99 0.76 1.85
N LEU A 261 -14.56 0.66 0.60
CA LEU A 261 -13.13 0.65 0.27
C LEU A 261 -12.45 1.89 0.86
N VAL A 262 -12.90 3.09 0.62
CA VAL A 262 -12.29 4.36 1.05
C VAL A 262 -12.32 4.53 2.57
N ASP A 263 -13.48 4.29 3.18
CA ASP A 263 -13.56 4.46 4.63
C ASP A 263 -12.68 3.48 5.42
N ASP A 264 -12.68 2.23 5.01
CA ASP A 264 -11.86 1.24 5.72
C ASP A 264 -10.35 1.52 5.53
N PHE A 265 -9.99 1.87 4.27
CA PHE A 265 -8.57 2.12 4.03
C PHE A 265 -8.11 3.39 4.76
N GLN A 266 -8.87 4.44 4.84
CA GLN A 266 -8.50 5.67 5.53
C GLN A 266 -8.13 5.30 7.01
N PHE A 267 -9.01 4.47 7.56
CA PHE A 267 -8.84 4.00 8.94
C PHE A 267 -7.56 3.18 9.13
N ILE A 268 -7.44 2.11 8.36
CA ILE A 268 -6.33 1.18 8.54
C ILE A 268 -4.99 1.85 8.21
N PHE A 269 -4.99 2.75 7.18
CA PHE A 269 -3.71 3.41 6.86
C PHE A 269 -3.23 4.25 8.08
N LEU A 270 -4.13 5.02 8.67
CA LEU A 270 -3.77 5.82 9.86
C LEU A 270 -3.25 4.87 10.95
N ALA A 271 -3.95 3.76 11.19
CA ALA A 271 -3.55 2.81 12.22
C ALA A 271 -2.13 2.33 11.99
N LEU A 272 -1.81 1.97 10.73
CA LEU A 272 -0.43 1.50 10.44
C LEU A 272 0.62 2.55 10.84
N THR A 273 0.34 3.77 10.44
CA THR A 273 1.27 4.88 10.67
C THR A 273 1.41 5.21 12.18
N GLN A 274 0.52 4.65 13.00
CA GLN A 274 0.63 4.94 14.43
C GLN A 274 1.17 3.74 15.17
N LEU A 275 1.58 2.66 14.55
CA LEU A 275 2.17 1.53 15.25
C LEU A 275 3.46 2.00 15.99
N GLY A 276 3.47 1.56 17.28
CA GLY A 276 4.60 1.89 18.16
C GLY A 276 4.49 3.32 18.68
N GLN A 277 3.41 4.05 18.48
CA GLN A 277 3.23 5.43 18.91
C GLN A 277 2.03 5.60 19.86
N ASP A 278 2.03 6.71 20.55
CA ASP A 278 0.84 7.04 21.37
C ASP A 278 0.09 8.16 20.61
N PRO A 279 -1.07 7.80 20.05
CA PRO A 279 -1.90 8.73 19.27
C PRO A 279 -2.14 10.05 19.95
N ASN A 280 -2.30 9.95 21.28
CA ASN A 280 -2.51 11.12 22.12
C ASN A 280 -1.34 12.07 22.20
N ALA A 281 -0.16 11.60 21.89
CA ALA A 281 1.02 12.45 21.93
C ALA A 281 1.36 12.98 20.53
N MET A 282 0.48 12.71 19.55
CA MET A 282 0.80 13.13 18.17
C MET A 282 0.00 14.36 17.82
N THR A 283 0.45 15.13 16.84
CA THR A 283 -0.21 16.34 16.36
C THR A 283 -0.87 16.00 14.99
N ASP A 284 -2.11 16.42 14.89
CA ASP A 284 -2.86 16.23 13.65
C ASP A 284 -2.49 17.32 12.66
N CYS A 285 -1.86 16.89 11.55
CA CYS A 285 -1.49 17.78 10.46
C CYS A 285 -2.19 17.36 9.13
N SER A 286 -3.32 16.68 9.29
CA SER A 286 -4.09 16.17 8.15
C SER A 286 -4.51 17.29 7.19
N ASP A 287 -4.66 18.51 7.67
CA ASP A 287 -5.06 19.61 6.80
C ASP A 287 -3.98 20.08 5.83
N VAL A 288 -2.77 19.52 5.93
CA VAL A 288 -1.71 19.81 4.99
C VAL A 288 -1.85 18.93 3.75
N ILE A 289 -2.45 17.76 3.77
CA ILE A 289 -2.56 16.80 2.69
C ILE A 289 -3.55 17.31 1.62
N PRO A 290 -3.16 17.29 0.35
CA PRO A 290 -4.07 17.75 -0.72
C PRO A 290 -5.37 17.01 -0.71
N LEU A 291 -6.44 17.66 -1.17
CA LEU A 291 -7.73 16.97 -1.29
C LEU A 291 -7.58 15.87 -2.35
N SER A 292 -8.12 14.71 -2.09
CA SER A 292 -8.07 13.57 -3.04
C SER A 292 -8.95 13.85 -4.28
N LYS A 293 -8.57 13.31 -5.41
CA LYS A 293 -9.28 13.48 -6.65
C LYS A 293 -10.27 12.34 -6.86
N PRO A 294 -11.38 12.68 -7.52
CA PRO A 294 -12.36 11.66 -7.89
C PRO A 294 -11.84 10.85 -9.06
N ILE A 295 -12.38 9.67 -9.25
CA ILE A 295 -11.98 8.82 -10.40
C ILE A 295 -12.62 9.53 -11.62
N PRO A 296 -11.83 9.76 -12.64
CA PRO A 296 -12.39 10.41 -13.82
C PRO A 296 -13.35 9.49 -14.58
N GLY A 297 -14.16 10.23 -15.34
CA GLY A 297 -15.15 9.59 -16.23
C GLY A 297 -16.44 9.37 -15.46
N ASN A 298 -17.25 8.52 -16.12
CA ASN A 298 -18.54 8.21 -15.42
C ASN A 298 -18.90 6.76 -15.67
N GLY A 299 -17.85 5.95 -15.84
CA GLY A 299 -18.08 4.48 -16.01
C GLY A 299 -18.50 4.01 -14.60
N PRO A 300 -18.74 2.70 -14.53
CA PRO A 300 -19.09 2.08 -13.25
C PRO A 300 -17.80 2.07 -12.39
N PHE A 301 -17.96 2.05 -11.08
CA PHE A 301 -16.77 2.03 -10.17
C PHE A 301 -15.98 0.76 -10.39
N SER A 302 -16.67 -0.37 -10.44
CA SER A 302 -16.05 -1.67 -10.68
C SER A 302 -16.60 -2.28 -12.00
N PHE A 303 -15.76 -3.06 -12.63
CA PHE A 303 -16.11 -3.67 -13.92
C PHE A 303 -15.23 -4.86 -14.20
N PHE A 304 -15.67 -5.59 -15.24
CA PHE A 304 -14.83 -6.67 -15.77
C PHE A 304 -14.10 -5.97 -16.93
N PRO A 305 -12.78 -6.09 -16.95
CA PRO A 305 -11.95 -5.56 -18.02
C PRO A 305 -12.36 -6.26 -19.35
N PRO A 306 -12.02 -5.59 -20.46
CA PRO A 306 -12.37 -6.12 -21.78
C PRO A 306 -11.91 -7.56 -21.88
N GLY A 307 -12.77 -8.39 -22.40
CA GLY A 307 -12.40 -9.79 -22.58
C GLY A 307 -12.64 -10.73 -21.41
N LYS A 308 -13.14 -10.18 -20.30
CA LYS A 308 -13.40 -10.97 -19.10
C LYS A 308 -14.88 -10.89 -18.79
N SER A 309 -15.39 -11.89 -18.12
CA SER A 309 -16.81 -11.91 -17.79
C SER A 309 -17.01 -12.65 -16.47
N HIS A 310 -18.26 -12.61 -16.07
CA HIS A 310 -18.59 -13.28 -14.82
C HIS A 310 -18.19 -14.72 -14.85
N SER A 311 -18.12 -15.35 -16.02
CA SER A 311 -17.76 -16.77 -15.91
C SER A 311 -16.28 -17.00 -15.59
N ASP A 312 -15.44 -15.96 -15.61
CA ASP A 312 -14.01 -16.11 -15.27
C ASP A 312 -13.76 -16.07 -13.76
N ILE A 313 -14.77 -15.68 -13.03
CA ILE A 313 -14.73 -15.54 -11.59
C ILE A 313 -14.78 -16.90 -10.90
N GLU A 314 -13.89 -17.04 -9.92
CA GLU A 314 -13.84 -18.20 -9.05
C GLU A 314 -14.56 -17.76 -7.76
N GLN A 315 -15.82 -18.15 -7.64
CA GLN A 315 -16.62 -17.73 -6.46
C GLN A 315 -16.09 -18.35 -5.19
N ALA A 316 -15.75 -17.61 -4.16
CA ALA A 316 -15.23 -18.14 -2.92
C ALA A 316 -16.10 -17.66 -1.76
N CYS A 317 -16.77 -16.54 -1.78
CA CYS A 317 -17.61 -16.09 -0.69
C CYS A 317 -18.90 -16.94 -0.75
N ALA A 318 -19.07 -17.78 0.25
CA ALA A 318 -20.21 -18.67 0.34
C ALA A 318 -21.51 -17.90 0.54
N GLU A 319 -21.58 -16.80 1.25
CA GLU A 319 -22.81 -16.10 1.55
C GLU A 319 -23.36 -15.05 0.61
N THR A 320 -22.51 -14.64 -0.31
CA THR A 320 -22.88 -13.61 -1.26
C THR A 320 -22.16 -13.93 -2.57
N PRO A 321 -22.95 -14.06 -3.63
CA PRO A 321 -22.42 -14.33 -4.98
C PRO A 321 -21.80 -13.01 -5.48
N PHE A 322 -20.79 -13.29 -6.30
CA PHE A 322 -20.02 -12.21 -6.89
C PHE A 322 -21.00 -11.35 -7.68
N PRO A 323 -20.93 -10.04 -7.48
CA PRO A 323 -21.79 -9.10 -8.19
C PRO A 323 -21.68 -9.20 -9.70
N SER A 324 -22.83 -8.77 -10.31
CA SER A 324 -22.90 -8.74 -11.78
C SER A 324 -22.26 -7.42 -12.20
N LEU A 325 -21.10 -7.42 -12.83
CA LEU A 325 -20.51 -6.16 -13.24
C LEU A 325 -20.64 -6.05 -14.76
N VAL A 326 -20.52 -4.87 -15.31
CA VAL A 326 -20.48 -4.72 -16.77
C VAL A 326 -19.07 -5.15 -17.23
N THR A 327 -19.01 -5.56 -18.47
CA THR A 327 -17.73 -5.87 -19.08
C THR A 327 -17.41 -4.64 -19.93
N LEU A 328 -16.23 -4.09 -19.84
CA LEU A 328 -15.87 -2.95 -20.69
C LEU A 328 -15.73 -3.58 -22.09
N PRO A 329 -16.18 -2.80 -23.08
CA PRO A 329 -16.19 -3.26 -24.48
C PRO A 329 -14.82 -3.38 -25.11
N GLY A 330 -14.78 -4.29 -26.11
CA GLY A 330 -13.49 -4.39 -26.78
C GLY A 330 -12.79 -5.69 -26.51
N PRO A 331 -11.65 -5.78 -27.18
CA PRO A 331 -10.82 -6.97 -27.05
C PRO A 331 -9.93 -6.76 -25.81
N ALA A 332 -9.42 -7.93 -25.39
CA ALA A 332 -8.49 -7.97 -24.27
C ALA A 332 -7.27 -7.09 -24.58
N THR A 333 -6.85 -6.45 -23.51
CA THR A 333 -5.66 -5.57 -23.57
C THR A 333 -4.63 -6.06 -22.54
N SER A 334 -3.38 -6.02 -22.84
CA SER A 334 -2.31 -6.37 -21.90
C SER A 334 -2.10 -5.17 -20.94
N VAL A 335 -2.07 -5.44 -19.64
CA VAL A 335 -1.89 -4.34 -18.64
C VAL A 335 -0.48 -3.77 -18.81
N ALA A 336 -0.33 -2.49 -19.05
CA ALA A 336 1.01 -1.92 -19.25
C ALA A 336 1.86 -1.96 -17.98
N ARG A 337 3.08 -2.33 -18.16
CA ARG A 337 3.97 -2.33 -16.98
C ARG A 337 4.30 -0.87 -16.62
N ILE A 338 4.72 -0.71 -15.38
CA ILE A 338 5.08 0.58 -14.76
C ILE A 338 6.58 0.48 -14.42
N PRO A 339 7.39 1.14 -15.23
CA PRO A 339 8.83 1.12 -14.98
C PRO A 339 9.16 1.69 -13.60
N PRO A 340 10.04 1.03 -12.85
CA PRO A 340 10.40 1.52 -11.52
C PRO A 340 11.11 2.87 -11.58
N HIS A 341 11.20 3.54 -10.46
CA HIS A 341 11.90 4.81 -10.33
C HIS A 341 13.35 4.62 -10.88
N LYS A 342 13.65 5.56 -11.80
CA LYS A 342 14.98 5.55 -12.43
C LYS A 342 15.89 6.41 -11.53
N ALA A 343 16.66 5.57 -10.82
CA ALA A 343 17.64 6.08 -9.84
C ALA A 343 18.47 7.19 -10.49
#